data_7ZHM
#
_entry.id   7ZHM
#
_cell.length_a   58.645
_cell.length_b   94.036
_cell.length_c   61.305
_cell.angle_alpha   90.000
_cell.angle_beta   110.069
_cell.angle_gamma   90.000
#
_symmetry.space_group_name_H-M   'P 1 21 1'
#
loop_
_entity.id
_entity.type
_entity.pdbx_description
1 polymer 'Rhs1 protein'
2 polymer 'Immunity protein TriTu'
3 non-polymer NICOTINAMIDE-ADENINE-DINUCLEOTIDE
4 non-polymer 'SODIUM ION'
5 non-polymer 'ZINC ION'
6 water water
#
loop_
_entity_poly.entity_id
_entity_poly.type
_entity_poly.pdbx_seq_one_letter_code
_entity_poly.pdbx_strand_id
1 'polypeptide(L)'
;MTATVGRWMGPAEYQQMLDTGTVVQSSTGTTHVAYPADIDAFGKQAKNGAMYVEFDVPEKSLVPTNEGWAKIVGPDSIEG
RLAKRKGLPVPEMPTAENITVRGEKINGEVEAKC
;
A,B
2 'polypeptide(L)'
;MLNKFKLWVSKHTDYTVIHNENDLSYSIIIDFEDDRYISRFTVWDDLSCMSEVMDVDTGLYKLNKRNEFSTFDELLDIFD
DFMISIK
;
C,D
#
loop_
_chem_comp.id
_chem_comp.type
_chem_comp.name
_chem_comp.formula
NA non-polymer 'SODIUM ION' 'Na 1'
NAD non-polymer NICOTINAMIDE-ADENINE-DINUCLEOTIDE 'C21 H27 N7 O14 P2'
ZN non-polymer 'ZINC ION' 'Zn 2'
#
# COMPACT_ATOMS: atom_id res chain seq x y z
N MET A 1 -17.36 8.48 -6.28
CA MET A 1 -17.03 7.02 -6.33
C MET A 1 -16.98 6.44 -4.90
N THR A 2 -18.00 6.80 -4.10
CA THR A 2 -18.10 6.48 -2.68
C THR A 2 -19.23 5.47 -2.42
N ALA A 3 -19.05 4.62 -1.41
CA ALA A 3 -20.02 3.60 -1.04
C ALA A 3 -20.14 3.51 0.48
N THR A 4 -21.38 3.37 0.94
CA THR A 4 -21.68 3.26 2.36
C THR A 4 -21.57 1.80 2.79
N VAL A 5 -20.82 1.58 3.87
CA VAL A 5 -20.63 0.26 4.46
C VAL A 5 -20.91 0.33 5.96
N GLY A 6 -21.18 -0.83 6.55
CA GLY A 6 -21.41 -0.97 7.98
C GLY A 6 -20.49 -2.03 8.54
N ARG A 7 -20.06 -1.82 9.79
CA ARG A 7 -19.11 -2.74 10.49
C ARG A 7 -19.41 -2.75 12.00
N TRP A 8 -19.61 -3.95 12.55
CA TRP A 8 -19.64 -4.18 13.98
C TRP A 8 -18.20 -4.26 14.47
N MET A 9 -17.84 -3.34 15.37
CA MET A 9 -16.48 -3.20 15.89
C MET A 9 -16.49 -2.88 17.38
N GLY A 10 -15.35 -3.11 18.02
CA GLY A 10 -15.16 -2.79 19.43
C GLY A 10 -14.84 -1.31 19.67
N PRO A 11 -15.00 -0.82 20.92
CA PRO A 11 -14.71 0.58 21.26
C PRO A 11 -13.34 1.08 20.78
N ALA A 12 -12.29 0.27 20.96
CA ALA A 12 -10.92 0.64 20.61
C ALA A 12 -10.74 0.89 19.11
N GLU A 13 -11.36 0.05 18.27
CA GLU A 13 -11.31 0.21 16.83
C GLU A 13 -12.03 1.49 16.41
N TYR A 14 -13.25 1.70 16.94
CA TYR A 14 -14.10 2.87 16.65
C TYR A 14 -13.30 4.15 16.99
N GLN A 15 -12.69 4.19 18.17
CA GLN A 15 -11.91 5.34 18.62
C GLN A 15 -10.76 5.63 17.64
N GLN A 16 -10.05 4.58 17.23
CA GLN A 16 -8.92 4.71 16.31
C GLN A 16 -9.40 5.22 14.95
N MET A 17 -10.51 4.66 14.47
CA MET A 17 -11.14 5.05 13.21
C MET A 17 -11.57 6.51 13.21
N LEU A 18 -12.08 6.98 14.35
CA LEU A 18 -12.55 8.35 14.51
C LEU A 18 -11.38 9.33 14.61
N ASP A 19 -10.34 8.96 15.36
CA ASP A 19 -9.15 9.78 15.55
C ASP A 19 -8.33 9.98 14.28
N THR A 20 -8.34 9.00 13.38
CA THR A 20 -7.58 9.04 12.12
C THR A 20 -8.43 9.31 10.87
N GLY A 21 -9.76 9.14 10.99
CA GLY A 21 -10.67 9.22 9.85
C GLY A 21 -10.31 8.21 8.77
N THR A 22 -9.81 7.05 9.21
CA THR A 22 -9.28 6.00 8.34
C THR A 22 -9.73 4.65 8.87
N VAL A 23 -10.05 3.73 7.96
CA VAL A 23 -10.49 2.39 8.33
C VAL A 23 -9.31 1.65 8.98
N VAL A 24 -9.57 1.05 10.14
CA VAL A 24 -8.57 0.27 10.86
C VAL A 24 -8.46 -1.11 10.19
N GLN A 25 -7.23 -1.55 9.93
CA GLN A 25 -6.96 -2.87 9.39
C GLN A 25 -7.13 -3.90 10.49
N SER A 26 -8.02 -4.87 10.26
CA SER A 26 -8.20 -6.01 11.14
C SER A 26 -6.85 -6.68 11.41
N SER A 27 -6.69 -7.22 12.62
CA SER A 27 -5.50 -7.99 12.98
C SER A 27 -5.45 -9.35 12.24
N THR A 28 -6.53 -9.67 11.50
CA THR A 28 -6.54 -10.80 10.57
C THR A 28 -5.85 -10.49 9.24
N GLY A 29 -5.69 -9.18 8.95
CA GLY A 29 -5.07 -8.71 7.72
C GLY A 29 -6.06 -8.12 6.74
N THR A 30 -7.32 -8.53 6.85
CA THR A 30 -8.40 -8.06 5.99
C THR A 30 -9.60 -7.64 6.85
N THR A 31 -10.02 -6.38 6.69
CA THR A 31 -11.18 -5.85 7.36
C THR A 31 -12.41 -6.17 6.52
N HIS A 32 -13.38 -6.85 7.13
CA HIS A 32 -14.63 -7.19 6.47
C HIS A 32 -15.70 -6.19 6.89
N VAL A 33 -16.57 -5.85 5.95
CA VAL A 33 -17.68 -4.92 6.16
C VAL A 33 -18.92 -5.46 5.49
N ALA A 34 -20.09 -5.01 5.95
CA ALA A 34 -21.35 -5.29 5.29
C ALA A 34 -21.49 -4.35 4.10
N TYR A 35 -21.86 -4.92 2.94
CA TYR A 35 -22.18 -4.17 1.69
C TYR A 35 -23.28 -4.92 0.94
N PRO A 36 -24.50 -4.35 0.81
CA PRO A 36 -24.83 -3.02 1.32
C PRO A 36 -24.89 -2.98 2.86
N ALA A 37 -24.63 -1.81 3.45
CA ALA A 37 -24.63 -1.62 4.89
C ALA A 37 -25.93 -2.14 5.46
N ASP A 38 -25.83 -3.07 6.40
CA ASP A 38 -26.97 -3.73 7.01
C ASP A 38 -26.65 -4.04 8.47
N ILE A 39 -27.47 -3.51 9.38
CA ILE A 39 -27.28 -3.67 10.82
C ILE A 39 -27.49 -5.11 11.31
N ASP A 40 -28.39 -5.85 10.63
CA ASP A 40 -28.72 -7.23 10.97
C ASP A 40 -27.85 -8.27 10.27
N ALA A 41 -27.18 -7.87 9.17
CA ALA A 41 -26.42 -8.80 8.35
C ALA A 41 -25.45 -9.66 9.17
N PHE A 42 -24.68 -9.01 10.06
CA PHE A 42 -23.68 -9.67 10.88
C PHE A 42 -23.77 -9.34 12.37
N GLY A 43 -24.97 -8.91 12.79
CA GLY A 43 -25.25 -8.55 14.17
C GLY A 43 -25.37 -9.74 15.10
N LYS A 44 -25.95 -10.83 14.59
CA LYS A 44 -26.19 -12.06 15.35
C LYS A 44 -24.93 -12.49 16.10
N GLN A 45 -23.80 -12.55 15.40
CA GLN A 45 -22.53 -13.07 15.92
C GLN A 45 -21.63 -12.02 16.56
N ALA A 46 -22.00 -10.73 16.44
CA ALA A 46 -21.27 -9.64 17.09
C ALA A 46 -21.41 -9.73 18.61
N LYS A 47 -20.29 -9.59 19.33
CA LYS A 47 -20.28 -9.72 20.78
C LYS A 47 -20.92 -8.53 21.47
N ASN A 48 -21.34 -8.73 22.73
CA ASN A 48 -21.84 -7.65 23.59
C ASN A 48 -20.78 -6.59 23.82
N GLY A 49 -21.17 -5.32 23.63
CA GLY A 49 -20.28 -4.18 23.76
C GLY A 49 -19.84 -3.63 22.42
N ALA A 50 -20.09 -4.39 21.34
CA ALA A 50 -19.76 -3.98 19.99
C ALA A 50 -20.68 -2.85 19.56
N MET A 51 -20.17 -1.99 18.66
CA MET A 51 -20.92 -0.91 18.06
C MET A 51 -21.01 -1.13 16.56
N TYR A 52 -22.22 -0.98 16.00
CA TYR A 52 -22.47 -0.99 14.53
C TYR A 52 -22.23 0.41 13.98
N VAL A 53 -21.11 0.61 13.28
CA VAL A 53 -20.73 1.89 12.72
C VAL A 53 -20.84 1.85 11.21
N GLU A 54 -21.53 2.84 10.63
CA GLU A 54 -21.60 3.02 9.18
C GLU A 54 -20.71 4.17 8.77
N PHE A 55 -20.02 3.98 7.64
CA PHE A 55 -19.11 4.99 7.10
C PHE A 55 -19.00 4.82 5.59
N ASP A 56 -18.40 5.84 4.95
CA ASP A 56 -18.28 5.91 3.51
C ASP A 56 -16.82 5.73 3.10
N VAL A 57 -16.59 4.77 2.19
CA VAL A 57 -15.26 4.50 1.64
C VAL A 57 -15.33 4.60 0.11
N PRO A 58 -14.17 4.73 -0.59
CA PRO A 58 -14.16 4.72 -2.05
C PRO A 58 -14.48 3.31 -2.61
N GLU A 59 -15.34 3.24 -3.62
CA GLU A 59 -15.71 1.98 -4.27
C GLU A 59 -14.47 1.15 -4.64
N LYS A 60 -13.44 1.83 -5.18
CA LYS A 60 -12.18 1.21 -5.61
C LYS A 60 -11.41 0.43 -4.52
N SER A 61 -11.77 0.66 -3.25
CA SER A 61 -11.15 -0.03 -2.11
C SER A 61 -12.00 -1.20 -1.57
N LEU A 62 -13.18 -1.41 -2.16
CA LEU A 62 -14.03 -2.57 -1.84
C LEU A 62 -13.92 -3.68 -2.88
N VAL A 63 -14.03 -4.92 -2.41
CA VAL A 63 -14.19 -6.11 -3.27
C VAL A 63 -15.47 -6.81 -2.81
N PRO A 64 -16.64 -6.51 -3.42
CA PRO A 64 -17.92 -7.02 -2.93
C PRO A 64 -18.17 -8.51 -3.22
N THR A 65 -19.19 -9.08 -2.58
CA THR A 65 -19.63 -10.46 -2.79
C THR A 65 -21.13 -10.50 -3.03
N ASN A 66 -21.65 -11.69 -3.32
CA ASN A 66 -23.08 -11.95 -3.45
C ASN A 66 -23.74 -12.31 -2.12
N GLU A 67 -22.99 -12.21 -1.02
CA GLU A 67 -23.40 -12.69 0.30
C GLU A 67 -23.52 -11.58 1.36
N GLY A 68 -23.58 -10.32 0.91
CA GLY A 68 -23.86 -9.17 1.75
C GLY A 68 -22.67 -8.55 2.46
N TRP A 69 -21.46 -9.08 2.22
CA TRP A 69 -20.23 -8.54 2.81
C TRP A 69 -19.18 -8.25 1.73
N ALA A 70 -18.15 -7.52 2.13
CA ALA A 70 -17.06 -7.10 1.24
C ALA A 70 -15.75 -7.03 1.99
N LYS A 71 -14.65 -7.17 1.25
CA LYS A 71 -13.30 -6.97 1.77
C LYS A 71 -12.87 -5.52 1.53
N ILE A 72 -12.16 -4.94 2.50
CA ILE A 72 -11.44 -3.70 2.30
C ILE A 72 -9.98 -4.08 2.06
N VAL A 73 -9.44 -3.64 0.92
CA VAL A 73 -8.09 -3.97 0.46
C VAL A 73 -7.06 -3.06 1.14
N GLY A 74 -6.32 -3.62 2.09
CA GLY A 74 -5.26 -2.93 2.81
C GLY A 74 -3.89 -3.53 2.50
N PRO A 75 -2.81 -3.06 3.15
CA PRO A 75 -1.47 -3.60 2.93
C PRO A 75 -1.35 -5.12 3.15
N ASP A 76 -2.04 -5.64 4.17
CA ASP A 76 -1.90 -7.03 4.59
C ASP A 76 -3.03 -7.94 4.11
N SER A 77 -3.94 -7.39 3.29
CA SER A 77 -4.92 -8.19 2.57
C SER A 77 -4.18 -9.02 1.52
N ILE A 78 -4.83 -10.09 1.05
CA ILE A 78 -4.25 -10.96 0.04
C ILE A 78 -3.90 -10.17 -1.23
N GLU A 79 -4.79 -9.27 -1.64
CA GLU A 79 -4.57 -8.38 -2.79
C GLU A 79 -3.36 -7.46 -2.54
N GLY A 80 -3.21 -7.00 -1.29
CA GLY A 80 -2.10 -6.16 -0.87
C GLY A 80 -0.75 -6.87 -0.89
N ARG A 81 -0.73 -8.14 -0.46
CA ARG A 81 0.48 -9.00 -0.44
C ARG A 81 0.89 -9.37 -1.87
N LEU A 82 -0.09 -9.53 -2.77
CA LEU A 82 0.16 -9.77 -4.19
C LEU A 82 0.90 -8.57 -4.77
N ALA A 83 0.34 -7.38 -4.57
CA ALA A 83 0.90 -6.12 -5.05
C ALA A 83 2.37 -5.94 -4.63
N LYS A 84 2.66 -6.27 -3.36
CA LYS A 84 4.03 -6.19 -2.83
C LYS A 84 4.96 -7.08 -3.62
N ARG A 85 4.52 -8.32 -3.87
CA ARG A 85 5.31 -9.38 -4.55
C ARG A 85 5.54 -9.02 -6.01
N LYS A 86 4.50 -8.52 -6.70
CA LYS A 86 4.58 -8.13 -8.10
C LYS A 86 5.33 -6.81 -8.36
N GLY A 87 5.57 -6.04 -7.28
CA GLY A 87 6.24 -4.75 -7.36
C GLY A 87 5.31 -3.64 -7.80
N LEU A 88 4.02 -3.78 -7.47
CA LEU A 88 3.00 -2.79 -7.79
C LEU A 88 2.76 -1.90 -6.57
N PRO A 89 2.13 -0.72 -6.73
CA PRO A 89 1.77 0.13 -5.58
C PRO A 89 0.90 -0.65 -4.58
N VAL A 90 1.35 -0.72 -3.33
CA VAL A 90 0.65 -1.42 -2.25
C VAL A 90 -0.47 -0.53 -1.71
N PRO A 91 -1.76 -0.96 -1.79
CA PRO A 91 -2.87 -0.12 -1.38
C PRO A 91 -2.93 0.09 0.14
N GLU A 92 -3.12 1.34 0.58
CA GLU A 92 -3.28 1.67 1.98
C GLU A 92 -4.75 1.56 2.37
N MET A 93 -5.01 1.54 3.68
CA MET A 93 -6.37 1.51 4.18
C MET A 93 -7.04 2.81 3.76
N PRO A 94 -8.30 2.76 3.26
CA PRO A 94 -8.96 3.94 2.71
C PRO A 94 -9.44 4.89 3.81
N THR A 95 -9.86 6.10 3.43
CA THR A 95 -10.47 7.06 4.34
C THR A 95 -11.87 6.58 4.73
N ALA A 96 -12.37 7.11 5.85
CA ALA A 96 -13.70 6.84 6.36
C ALA A 96 -14.43 8.16 6.61
N GLU A 97 -15.37 8.48 5.72
CA GLU A 97 -16.19 9.71 5.77
C GLU A 97 -17.57 9.42 6.34
N ASN A 98 -18.22 10.46 6.88
CA ASN A 98 -19.55 10.38 7.45
C ASN A 98 -19.69 9.21 8.42
N ILE A 99 -18.77 9.15 9.40
CA ILE A 99 -18.77 8.09 10.41
C ILE A 99 -19.92 8.34 11.36
N THR A 100 -20.81 7.34 11.46
CA THR A 100 -22.02 7.41 12.26
C THR A 100 -22.29 6.08 12.96
N VAL A 101 -22.39 6.14 14.29
CA VAL A 101 -22.79 5.00 15.11
C VAL A 101 -24.29 4.82 14.96
N ARG A 102 -24.72 3.66 14.45
CA ARG A 102 -26.13 3.37 14.09
C ARG A 102 -26.70 2.24 14.95
N GLY A 103 -25.87 1.57 15.77
CA GLY A 103 -26.33 0.51 16.65
C GLY A 103 -25.32 0.06 17.67
N GLU A 104 -25.80 -0.69 18.68
CA GLU A 104 -24.97 -1.33 19.69
C GLU A 104 -25.53 -2.72 20.02
N LYS A 105 -24.63 -3.62 20.42
CA LYS A 105 -24.99 -4.96 20.87
C LYS A 105 -25.04 -4.94 22.39
N ILE A 106 -26.25 -5.11 22.95
CA ILE A 106 -26.50 -5.04 24.39
C ILE A 106 -27.38 -6.21 24.80
N ASN A 107 -26.92 -6.98 25.79
CA ASN A 107 -27.70 -8.07 26.39
C ASN A 107 -28.14 -9.13 25.37
N GLY A 108 -27.29 -9.38 24.37
CA GLY A 108 -27.51 -10.40 23.36
C GLY A 108 -28.41 -10.01 22.19
N GLU A 109 -28.86 -8.75 22.16
CA GLU A 109 -29.77 -8.26 21.12
C GLU A 109 -29.25 -6.98 20.45
N VAL A 110 -29.62 -6.81 19.17
CA VAL A 110 -29.21 -5.67 18.36
C VAL A 110 -30.05 -4.43 18.67
N GLU A 111 -29.44 -3.46 19.37
CA GLU A 111 -30.04 -2.15 19.68
C GLU A 111 -29.70 -1.19 18.54
N ALA A 112 -30.56 -0.18 18.33
CA ALA A 112 -30.41 0.77 17.23
C ALA A 112 -29.69 2.09 17.54
N LYS A 113 -29.38 2.32 18.83
CA LYS A 113 -28.74 3.58 19.28
C LYS A 113 -29.53 4.82 18.84
N MET B 1 -2.34 13.67 -26.75
CA MET B 1 -2.65 12.87 -25.53
C MET B 1 -1.41 12.19 -24.94
N THR B 2 -0.45 11.80 -25.81
CA THR B 2 0.72 11.01 -25.43
C THR B 2 2.01 11.85 -25.51
N ALA B 3 2.98 11.52 -24.64
CA ALA B 3 4.26 12.22 -24.57
C ALA B 3 5.38 11.21 -24.36
N THR B 4 6.50 11.43 -25.06
CA THR B 4 7.67 10.58 -24.95
C THR B 4 8.55 11.06 -23.80
N VAL B 5 8.93 10.11 -22.94
CA VAL B 5 9.83 10.36 -21.83
C VAL B 5 10.97 9.34 -21.85
N GLY B 6 12.05 9.66 -21.13
CA GLY B 6 13.20 8.80 -20.96
C GLY B 6 13.50 8.60 -19.50
N ARG B 7 13.98 7.41 -19.13
CA ARG B 7 14.30 7.04 -17.74
C ARG B 7 15.48 6.06 -17.69
N TRP B 8 16.52 6.42 -16.92
CA TRP B 8 17.60 5.52 -16.55
C TRP B 8 17.10 4.62 -15.43
N MET B 9 17.07 3.31 -15.69
CA MET B 9 16.54 2.31 -14.76
C MET B 9 17.39 1.04 -14.77
N GLY B 10 17.24 0.24 -13.72
CA GLY B 10 17.92 -1.04 -13.60
C GLY B 10 17.23 -2.15 -14.39
N PRO B 11 17.94 -3.28 -14.65
CA PRO B 11 17.36 -4.41 -15.39
C PRO B 11 16.01 -4.89 -14.84
N ALA B 12 15.87 -4.97 -13.51
CA ALA B 12 14.66 -5.47 -12.86
C ALA B 12 13.43 -4.58 -13.14
N GLU B 13 13.62 -3.26 -13.10
CA GLU B 13 12.57 -2.31 -13.40
C GLU B 13 12.14 -2.43 -14.87
N TYR B 14 13.12 -2.45 -15.78
CA TYR B 14 12.90 -2.57 -17.24
C TYR B 14 12.07 -3.82 -17.54
N GLN B 15 12.47 -4.95 -16.95
CA GLN B 15 11.77 -6.22 -17.14
C GLN B 15 10.32 -6.12 -16.68
N GLN B 16 10.10 -5.53 -15.50
CA GLN B 16 8.77 -5.38 -14.95
C GLN B 16 7.91 -4.48 -15.84
N MET B 17 8.51 -3.36 -16.29
CA MET B 17 7.86 -2.41 -17.18
C MET B 17 7.43 -3.06 -18.50
N LEU B 18 8.29 -3.94 -19.03
CA LEU B 18 8.05 -4.63 -20.28
C LEU B 18 6.97 -5.72 -20.14
N ASP B 19 7.04 -6.47 -19.03
CA ASP B 19 6.10 -7.56 -18.74
C ASP B 19 4.66 -7.08 -18.48
N THR B 20 4.52 -5.87 -17.93
CA THR B 20 3.21 -5.29 -17.60
C THR B 20 2.75 -4.20 -18.57
N GLY B 21 3.68 -3.65 -19.36
CA GLY B 21 3.41 -2.51 -20.21
C GLY B 21 2.94 -1.29 -19.42
N THR B 22 3.47 -1.17 -18.20
CA THR B 22 3.05 -0.16 -17.23
C THR B 22 4.28 0.38 -16.52
N VAL B 23 4.28 1.69 -16.25
CA VAL B 23 5.40 2.33 -15.56
C VAL B 23 5.46 1.81 -14.13
N VAL B 24 6.65 1.39 -13.71
CA VAL B 24 6.89 0.92 -12.35
C VAL B 24 7.00 2.14 -11.43
N GLN B 25 6.29 2.07 -10.29
CA GLN B 25 6.35 3.12 -9.28
C GLN B 25 7.64 2.95 -8.51
N SER B 26 8.45 4.02 -8.49
CA SER B 26 9.67 4.06 -7.69
C SER B 26 9.35 3.69 -6.25
N SER B 27 10.30 3.05 -5.58
CA SER B 27 10.16 2.75 -4.15
C SER B 27 10.29 4.02 -3.28
N THR B 28 10.59 5.16 -3.93
CA THR B 28 10.50 6.47 -3.30
C THR B 28 9.08 7.01 -3.23
N GLY B 29 8.20 6.45 -4.07
CA GLY B 29 6.79 6.86 -4.15
C GLY B 29 6.47 7.63 -5.41
N THR B 30 7.49 8.28 -5.99
CA THR B 30 7.35 9.06 -7.20
C THR B 30 8.44 8.68 -8.22
N THR B 31 8.00 8.24 -9.40
CA THR B 31 8.91 7.91 -10.48
C THR B 31 9.22 9.18 -11.26
N HIS B 32 10.51 9.50 -11.38
CA HIS B 32 10.98 10.67 -12.12
C HIS B 32 11.42 10.22 -13.50
N VAL B 33 11.17 11.08 -14.49
CA VAL B 33 11.55 10.83 -15.87
C VAL B 33 12.08 12.12 -16.48
N ALA B 34 12.87 12.00 -17.54
CA ALA B 34 13.32 13.15 -18.32
C ALA B 34 12.19 13.53 -19.26
N TYR B 35 11.89 14.85 -19.30
CA TYR B 35 10.91 15.47 -20.23
C TYR B 35 11.39 16.87 -20.59
N PRO B 36 11.77 17.13 -21.87
CA PRO B 36 11.70 16.14 -22.94
C PRO B 36 12.75 15.02 -22.78
N ALA B 37 12.46 13.83 -23.32
CA ALA B 37 13.35 12.68 -23.24
C ALA B 37 14.74 13.08 -23.70
N ASP B 38 15.72 12.88 -22.81
CA ASP B 38 17.11 13.26 -23.05
C ASP B 38 18.04 12.25 -22.38
N ILE B 39 18.90 11.62 -23.18
CA ILE B 39 19.81 10.57 -22.72
C ILE B 39 20.91 11.10 -21.79
N ASP B 40 21.32 12.36 -21.99
CA ASP B 40 22.37 13.00 -21.20
C ASP B 40 21.86 13.75 -19.97
N ALA B 41 20.56 14.06 -19.94
CA ALA B 41 19.98 14.87 -18.87
C ALA B 41 20.33 14.34 -17.49
N PHE B 42 20.18 13.03 -17.28
CA PHE B 42 20.43 12.40 -15.98
C PHE B 42 21.34 11.17 -16.06
N GLY B 43 22.14 11.10 -17.13
CA GLY B 43 23.06 10.01 -17.38
C GLY B 43 24.29 10.03 -16.49
N LYS B 44 24.80 11.24 -16.22
CA LYS B 44 26.01 11.44 -15.43
C LYS B 44 25.96 10.65 -14.12
N GLN B 45 24.84 10.76 -13.41
CA GLN B 45 24.67 10.15 -12.07
C GLN B 45 24.08 8.74 -12.08
N ALA B 46 23.66 8.26 -13.25
CA ALA B 46 23.14 6.89 -13.40
C ALA B 46 24.28 5.90 -13.21
N LYS B 47 24.03 4.84 -12.42
CA LYS B 47 25.05 3.85 -12.10
C LYS B 47 25.34 2.93 -13.28
N ASN B 48 26.51 2.28 -13.25
CA ASN B 48 26.89 1.26 -14.21
C ASN B 48 25.90 0.09 -14.17
N GLY B 49 25.44 -0.32 -15.36
CA GLY B 49 24.46 -1.39 -15.51
C GLY B 49 23.06 -0.88 -15.78
N ALA B 50 22.84 0.42 -15.57
CA ALA B 50 21.57 1.06 -15.85
C ALA B 50 21.33 1.12 -17.34
N MET B 51 20.04 1.12 -17.73
CA MET B 51 19.62 1.23 -19.12
C MET B 51 18.77 2.48 -19.26
N TYR B 52 19.05 3.29 -20.29
CA TYR B 52 18.22 4.46 -20.68
C TYR B 52 17.09 3.99 -21.58
N VAL B 53 15.87 3.96 -21.05
CA VAL B 53 14.69 3.49 -21.77
C VAL B 53 13.76 4.66 -22.05
N GLU B 54 13.33 4.80 -23.31
CA GLU B 54 12.34 5.79 -23.70
C GLU B 54 11.01 5.09 -23.95
N PHE B 55 9.92 5.73 -23.51
CA PHE B 55 8.58 5.19 -23.65
C PHE B 55 7.56 6.32 -23.67
N ASP B 56 6.33 5.98 -24.06
CA ASP B 56 5.24 6.93 -24.24
C ASP B 56 4.19 6.76 -23.15
N VAL B 57 3.87 7.86 -22.46
CA VAL B 57 2.86 7.90 -21.41
C VAL B 57 1.82 8.97 -21.75
N PRO B 58 0.62 8.96 -21.14
CA PRO B 58 -0.36 10.03 -21.33
C PRO B 58 0.10 11.35 -20.70
N GLU B 59 -0.06 12.47 -21.41
CA GLU B 59 0.28 13.79 -20.91
C GLU B 59 -0.31 14.05 -19.53
N LYS B 60 -1.57 13.63 -19.33
CA LYS B 60 -2.32 13.83 -18.09
C LYS B 60 -1.69 13.16 -16.85
N SER B 61 -0.74 12.25 -17.06
CA SER B 61 -0.03 11.58 -15.98
C SER B 61 1.36 12.17 -15.69
N LEU B 62 1.76 13.18 -16.46
CA LEU B 62 3.00 13.93 -16.22
C LEU B 62 2.74 15.27 -15.53
N VAL B 63 3.67 15.66 -14.65
CA VAL B 63 3.74 17.01 -14.09
C VAL B 63 5.13 17.56 -14.41
N PRO B 64 5.30 18.30 -15.53
CA PRO B 64 6.62 18.72 -15.98
C PRO B 64 7.24 19.86 -15.15
N THR B 65 8.53 20.12 -15.35
CA THR B 65 9.27 21.21 -14.72
C THR B 65 10.03 22.00 -15.77
N ASN B 66 10.66 23.09 -15.34
CA ASN B 66 11.55 23.90 -16.19
C ASN B 66 13.00 23.41 -16.17
N GLU B 67 13.24 22.24 -15.55
CA GLU B 67 14.58 21.70 -15.32
C GLU B 67 14.85 20.36 -16.03
N GLY B 68 14.00 20.02 -17.02
CA GLY B 68 14.21 18.88 -17.89
C GLY B 68 13.70 17.53 -17.39
N TRP B 69 13.08 17.51 -16.21
CA TRP B 69 12.49 16.30 -15.64
C TRP B 69 11.03 16.52 -15.27
N ALA B 70 10.34 15.41 -14.99
CA ALA B 70 8.92 15.41 -14.67
C ALA B 70 8.60 14.30 -13.68
N LYS B 71 7.52 14.49 -12.92
CA LYS B 71 6.96 13.47 -12.04
C LYS B 71 5.89 12.68 -12.80
N ILE B 72 5.85 11.37 -12.55
CA ILE B 72 4.71 10.54 -12.92
C ILE B 72 3.86 10.37 -11.68
N VAL B 73 2.59 10.77 -11.77
CA VAL B 73 1.66 10.74 -10.64
C VAL B 73 1.05 9.35 -10.46
N GLY B 74 1.51 8.65 -9.41
CA GLY B 74 1.04 7.35 -9.03
C GLY B 74 0.29 7.39 -7.70
N PRO B 75 -0.19 6.24 -7.18
CA PRO B 75 -0.87 6.19 -5.89
C PRO B 75 -0.09 6.80 -4.72
N ASP B 76 1.24 6.58 -4.69
CA ASP B 76 2.07 7.00 -3.55
C ASP B 76 2.85 8.29 -3.79
N SER B 77 2.61 8.94 -4.94
CA SER B 77 3.09 10.30 -5.18
C SER B 77 2.35 11.24 -4.24
N ILE B 78 2.92 12.43 -4.03
CA ILE B 78 2.31 13.44 -3.17
C ILE B 78 0.90 13.80 -3.65
N GLU B 79 0.77 13.96 -4.98
CA GLU B 79 -0.52 14.23 -5.62
C GLU B 79 -1.51 13.08 -5.38
N GLY B 80 -1.00 11.84 -5.39
CA GLY B 80 -1.78 10.64 -5.14
C GLY B 80 -2.27 10.52 -3.71
N ARG B 81 -1.42 10.90 -2.75
CA ARG B 81 -1.72 10.88 -1.29
C ARG B 81 -2.75 11.97 -0.96
N LEU B 82 -2.67 13.11 -1.67
CA LEU B 82 -3.66 14.17 -1.53
C LEU B 82 -5.04 13.65 -1.93
N ALA B 83 -5.11 13.07 -3.13
CA ALA B 83 -6.33 12.52 -3.69
C ALA B 83 -7.01 11.52 -2.74
N LYS B 84 -6.21 10.65 -2.12
CA LYS B 84 -6.69 9.66 -1.14
C LYS B 84 -7.38 10.37 0.02
N ARG B 85 -6.71 11.40 0.55
CA ARG B 85 -7.14 12.15 1.75
C ARG B 85 -8.43 12.94 1.45
N LYS B 86 -8.49 13.60 0.28
CA LYS B 86 -9.65 14.38 -0.13
C LYS B 86 -10.86 13.55 -0.56
N GLY B 87 -10.64 12.25 -0.81
CA GLY B 87 -11.68 11.35 -1.27
C GLY B 87 -11.93 11.48 -2.76
N LEU B 88 -10.88 11.84 -3.50
CA LEU B 88 -10.92 11.97 -4.96
C LEU B 88 -10.39 10.70 -5.59
N PRO B 89 -10.64 10.46 -6.90
CA PRO B 89 -10.06 9.31 -7.60
C PRO B 89 -8.52 9.30 -7.50
N VAL B 90 -7.96 8.22 -6.95
CA VAL B 90 -6.51 8.06 -6.80
C VAL B 90 -5.91 7.62 -8.12
N PRO B 91 -4.97 8.40 -8.72
CA PRO B 91 -4.42 8.07 -10.03
C PRO B 91 -3.49 6.85 -9.99
N GLU B 92 -3.66 5.93 -10.95
CA GLU B 92 -2.85 4.72 -11.06
C GLU B 92 -1.64 5.01 -11.93
N MET B 93 -0.63 4.12 -11.86
CA MET B 93 0.56 4.25 -12.70
C MET B 93 0.11 4.10 -14.15
N PRO B 94 0.59 4.97 -15.07
CA PRO B 94 0.08 4.98 -16.43
C PRO B 94 0.66 3.84 -17.28
N THR B 95 0.10 3.62 -18.46
CA THR B 95 0.64 2.66 -19.42
C THR B 95 1.94 3.16 -20.01
N ALA B 96 2.74 2.24 -20.56
CA ALA B 96 4.00 2.52 -21.21
C ALA B 96 4.02 1.89 -22.61
N GLU B 97 3.84 2.73 -23.63
CA GLU B 97 3.81 2.33 -25.04
C GLU B 97 5.15 2.62 -25.72
N ASN B 98 5.43 1.89 -26.81
CA ASN B 98 6.64 2.06 -27.61
C ASN B 98 7.89 2.09 -26.75
N ILE B 99 8.06 1.07 -25.91
CA ILE B 99 9.20 0.93 -25.02
C ILE B 99 10.42 0.55 -25.85
N THR B 100 11.46 1.40 -25.79
CA THR B 100 12.67 1.23 -26.57
C THR B 100 13.90 1.61 -25.73
N VAL B 101 14.83 0.65 -25.61
CA VAL B 101 16.13 0.85 -24.98
C VAL B 101 16.99 1.66 -25.95
N ARG B 102 17.42 2.84 -25.52
CA ARG B 102 18.17 3.83 -26.35
C ARG B 102 19.61 4.02 -25.83
N GLY B 103 19.94 3.47 -24.66
CA GLY B 103 21.27 3.60 -24.11
C GLY B 103 21.54 2.69 -22.93
N GLU B 104 22.84 2.56 -22.58
CA GLU B 104 23.30 1.85 -21.39
C GLU B 104 24.47 2.60 -20.76
N LYS B 105 24.62 2.45 -19.45
CA LYS B 105 25.74 3.00 -18.70
C LYS B 105 26.76 1.90 -18.51
N ILE B 106 27.93 2.05 -19.16
CA ILE B 106 28.99 1.06 -19.17
C ILE B 106 30.34 1.74 -18.92
N ASN B 107 31.08 1.27 -17.92
CA ASN B 107 32.43 1.72 -17.62
C ASN B 107 32.51 3.22 -17.34
N GLY B 108 31.46 3.76 -16.72
CA GLY B 108 31.39 5.16 -16.32
C GLY B 108 30.96 6.15 -17.38
N GLU B 109 30.64 5.66 -18.59
CA GLU B 109 30.26 6.51 -19.72
C GLU B 109 28.92 6.11 -20.35
N VAL B 110 28.22 7.09 -20.92
CA VAL B 110 26.91 6.89 -21.55
C VAL B 110 27.05 6.32 -22.96
N GLU B 111 26.71 5.02 -23.10
CA GLU B 111 26.70 4.30 -24.37
C GLU B 111 25.32 4.43 -25.01
N ALA B 112 25.28 4.39 -26.34
CA ALA B 112 24.04 4.36 -27.11
C ALA B 112 23.88 2.98 -27.73
N LYS B 113 22.69 2.37 -27.57
CA LYS B 113 22.39 1.05 -28.13
C LYS B 113 21.65 1.19 -29.46
N CYS B 114 22.37 0.95 -30.57
CA CYS B 114 21.82 1.05 -31.91
C CYS B 114 21.46 -0.32 -32.46
N MET C 1 -13.58 -23.50 20.08
CA MET C 1 -13.01 -24.15 18.87
C MET C 1 -11.52 -23.92 18.67
N LEU C 2 -11.07 -22.69 18.94
CA LEU C 2 -9.74 -22.24 18.54
C LEU C 2 -8.62 -23.06 19.15
N ASN C 3 -8.75 -23.39 20.44
CA ASN C 3 -7.72 -24.11 21.16
C ASN C 3 -7.47 -25.55 20.71
N LYS C 4 -8.54 -26.26 20.37
CA LYS C 4 -8.37 -27.63 19.88
C LYS C 4 -7.84 -27.61 18.44
N PHE C 5 -8.22 -26.58 17.68
CA PHE C 5 -7.68 -26.33 16.33
C PHE C 5 -6.19 -26.02 16.36
N LYS C 6 -5.79 -25.13 17.28
CA LYS C 6 -4.38 -24.84 17.55
C LYS C 6 -3.58 -26.12 17.79
N LEU C 7 -4.12 -27.00 18.64
CA LEU C 7 -3.49 -28.27 19.00
C LEU C 7 -3.45 -29.24 17.82
N TRP C 8 -4.54 -29.27 17.05
CA TRP C 8 -4.64 -30.11 15.86
C TRP C 8 -3.58 -29.72 14.83
N VAL C 9 -3.45 -28.40 14.59
CA VAL C 9 -2.48 -27.84 13.65
C VAL C 9 -1.05 -28.14 14.11
N SER C 10 -0.77 -27.89 15.39
CA SER C 10 0.52 -28.19 16.01
C SER C 10 0.94 -29.66 15.85
N LYS C 11 -0.05 -30.57 15.95
CA LYS C 11 0.17 -32.02 15.93
C LYS C 11 0.35 -32.59 14.52
N HIS C 12 -0.53 -32.18 13.60
CA HIS C 12 -0.59 -32.75 12.25
C HIS C 12 0.16 -31.97 11.17
N THR C 13 0.87 -30.91 11.55
CA THR C 13 1.25 -29.86 10.61
C THR C 13 2.46 -29.02 11.06
N ASP C 14 3.15 -28.42 10.08
CA ASP C 14 4.28 -27.52 10.30
C ASP C 14 3.94 -26.03 10.18
N TYR C 15 2.79 -25.71 9.55
CA TYR C 15 2.21 -24.34 9.43
C TYR C 15 2.30 -23.62 10.78
N THR C 16 2.67 -22.33 10.76
CA THR C 16 2.74 -21.49 11.93
C THR C 16 1.39 -20.83 12.21
N VAL C 17 0.93 -20.93 13.45
CA VAL C 17 -0.32 -20.33 13.91
C VAL C 17 0.00 -18.96 14.50
N ILE C 18 -0.71 -17.92 14.04
CA ILE C 18 -0.71 -16.61 14.67
C ILE C 18 -2.02 -16.44 15.42
N HIS C 19 -1.92 -16.06 16.70
CA HIS C 19 -3.07 -15.77 17.55
C HIS C 19 -3.28 -14.26 17.62
N ASN C 20 -4.51 -13.83 17.33
CA ASN C 20 -4.92 -12.45 17.52
C ASN C 20 -5.84 -12.36 18.74
N GLU C 21 -5.50 -11.49 19.67
CA GLU C 21 -6.31 -11.25 20.86
C GLU C 21 -6.80 -9.79 20.82
N ASN C 22 -8.13 -9.62 20.81
CA ASN C 22 -8.78 -8.32 20.91
C ASN C 22 -9.82 -8.36 22.01
N ASP C 23 -10.21 -7.19 22.51
CA ASP C 23 -11.13 -7.06 23.64
C ASP C 23 -12.38 -7.92 23.51
N LEU C 24 -12.90 -8.08 22.28
CA LEU C 24 -14.13 -8.81 22.01
C LEU C 24 -13.94 -10.15 21.28
N SER C 25 -12.86 -10.29 20.51
CA SER C 25 -12.62 -11.47 19.68
C SER C 25 -11.24 -12.09 19.86
N TYR C 26 -11.21 -13.42 19.95
CA TYR C 26 -10.04 -14.28 19.65
C TYR C 26 -10.15 -14.73 18.19
N SER C 27 -9.02 -14.84 17.50
CA SER C 27 -8.95 -15.47 16.18
C SER C 27 -7.57 -16.07 15.94
N ILE C 28 -7.51 -16.91 14.89
CA ILE C 28 -6.30 -17.56 14.47
C ILE C 28 -6.17 -17.31 12.97
N ILE C 29 -4.94 -17.01 12.54
CA ILE C 29 -4.61 -16.91 11.12
C ILE C 29 -3.40 -17.78 10.81
N ILE C 30 -3.46 -18.43 9.65
CA ILE C 30 -2.34 -19.21 9.13
C ILE C 30 -1.95 -18.65 7.75
N ASP C 31 -0.86 -17.87 7.73
CA ASP C 31 -0.25 -17.37 6.50
C ASP C 31 0.69 -18.41 5.92
N PHE C 32 0.52 -18.70 4.62
CA PHE C 32 1.50 -19.47 3.87
C PHE C 32 1.75 -18.81 2.52
N GLU C 33 3.01 -18.84 2.08
CA GLU C 33 3.44 -18.21 0.84
C GLU C 33 4.61 -18.99 0.23
N ASP C 34 4.52 -19.27 -1.07
CA ASP C 34 5.57 -19.96 -1.82
C ASP C 34 5.63 -19.43 -3.26
N ASP C 35 6.20 -20.23 -4.17
CA ASP C 35 6.44 -19.82 -5.55
C ASP C 35 5.17 -19.50 -6.34
N ARG C 36 4.10 -20.28 -6.11
CA ARG C 36 2.88 -20.27 -6.96
C ARG C 36 1.68 -19.67 -6.22
N TYR C 37 1.61 -19.78 -4.89
CA TYR C 37 0.43 -19.36 -4.08
C TYR C 37 0.82 -18.39 -2.96
N ILE C 38 -0.05 -17.40 -2.74
CA ILE C 38 -0.08 -16.56 -1.53
C ILE C 38 -1.43 -16.84 -0.87
N SER C 39 -1.39 -17.40 0.34
CA SER C 39 -2.58 -17.96 0.97
C SER C 39 -2.68 -17.64 2.45
N ARG C 40 -3.91 -17.71 2.97
CA ARG C 40 -4.24 -17.43 4.39
C ARG C 40 -5.53 -18.16 4.78
N PHE C 41 -5.52 -18.80 5.94
CA PHE C 41 -6.71 -19.37 6.53
C PHE C 41 -6.97 -18.62 7.83
N THR C 42 -8.16 -18.01 7.93
CA THR C 42 -8.58 -17.29 9.12
C THR C 42 -9.77 -18.02 9.73
N VAL C 43 -9.71 -18.25 11.05
CA VAL C 43 -10.83 -18.79 11.81
C VAL C 43 -11.07 -17.94 13.05
N TRP C 44 -12.35 -17.67 13.33
CA TRP C 44 -12.80 -16.82 14.43
C TRP C 44 -13.49 -17.63 15.51
N ASP C 45 -13.59 -17.03 16.71
CA ASP C 45 -14.27 -17.63 17.84
C ASP C 45 -15.80 -17.61 17.70
N ASP C 46 -16.32 -16.91 16.68
CA ASP C 46 -17.76 -16.83 16.40
C ASP C 46 -18.28 -17.94 15.44
N LEU C 47 -17.50 -19.02 15.32
CA LEU C 47 -17.83 -20.20 14.51
C LEU C 47 -17.94 -19.88 13.01
N SER C 48 -16.98 -19.09 12.53
CA SER C 48 -16.84 -18.79 11.11
C SER C 48 -15.37 -18.88 10.74
N CYS C 49 -15.09 -19.04 9.44
CA CYS C 49 -13.74 -19.08 8.92
C CYS C 49 -13.69 -18.59 7.48
N MET C 50 -12.49 -18.19 7.06
CA MET C 50 -12.23 -17.66 5.73
C MET C 50 -11.03 -18.39 5.11
N SER C 51 -11.20 -18.86 3.87
CA SER C 51 -10.16 -19.57 3.13
C SER C 51 -9.77 -18.78 1.88
N GLU C 52 -8.52 -18.30 1.86
CA GLU C 52 -7.98 -17.50 0.76
C GLU C 52 -6.71 -18.13 0.18
N VAL C 53 -6.75 -18.43 -1.13
CA VAL C 53 -5.60 -18.91 -1.90
C VAL C 53 -5.54 -18.17 -3.24
N MET C 54 -4.54 -17.30 -3.39
CA MET C 54 -4.34 -16.49 -4.59
C MET C 54 -3.22 -17.09 -5.42
N ASP C 55 -3.52 -17.31 -6.71
CA ASP C 55 -2.54 -17.76 -7.69
C ASP C 55 -1.73 -16.54 -8.16
N VAL C 56 -0.41 -16.59 -7.90
CA VAL C 56 0.51 -15.49 -8.20
C VAL C 56 0.62 -15.18 -9.70
N ASP C 57 0.68 -16.23 -10.52
CA ASP C 57 0.87 -16.10 -11.97
C ASP C 57 -0.28 -15.36 -12.66
N THR C 58 -1.51 -15.73 -12.32
CA THR C 58 -2.72 -15.15 -12.93
C THR C 58 -3.27 -13.92 -12.17
N GLY C 59 -3.07 -13.88 -10.85
CA GLY C 59 -3.59 -12.82 -10.00
C GLY C 59 -5.06 -12.99 -9.65
N LEU C 60 -5.59 -14.19 -9.91
CA LEU C 60 -6.97 -14.55 -9.59
C LEU C 60 -6.96 -15.58 -8.47
N TYR C 61 -7.99 -15.54 -7.63
CA TYR C 61 -8.16 -16.45 -6.45
C TYR C 61 -8.39 -17.88 -6.95
N LYS C 62 -7.69 -18.86 -6.36
CA LYS C 62 -7.95 -20.28 -6.57
C LYS C 62 -9.04 -20.75 -5.61
N LEU C 63 -8.96 -20.27 -4.37
CA LEU C 63 -9.96 -20.53 -3.34
C LEU C 63 -10.23 -19.20 -2.62
N ASN C 64 -11.51 -18.84 -2.51
CA ASN C 64 -11.96 -17.62 -1.86
C ASN C 64 -13.35 -17.78 -1.25
N LYS C 65 -13.42 -18.55 -0.16
CA LYS C 65 -14.68 -18.96 0.44
C LYS C 65 -14.76 -18.57 1.92
N ARG C 66 -15.89 -17.98 2.30
CA ARG C 66 -16.28 -17.70 3.71
C ARG C 66 -17.26 -18.79 4.18
N ASN C 67 -16.94 -19.46 5.30
CA ASN C 67 -17.77 -20.54 5.84
C ASN C 67 -18.17 -20.26 7.27
N GLU C 68 -19.46 -20.50 7.56
CA GLU C 68 -19.97 -20.58 8.93
C GLU C 68 -20.15 -22.07 9.23
N PHE C 69 -19.63 -22.50 10.39
CA PHE C 69 -19.74 -23.88 10.85
C PHE C 69 -20.33 -23.88 12.25
N SER C 70 -20.57 -25.07 12.79
CA SER C 70 -21.10 -25.22 14.15
C SER C 70 -20.52 -26.42 14.91
N THR C 71 -19.42 -26.98 14.39
CA THR C 71 -18.86 -28.23 14.85
C THR C 71 -17.38 -28.24 14.51
N PHE C 72 -16.57 -28.86 15.38
CA PHE C 72 -15.13 -28.96 15.17
C PHE C 72 -14.80 -29.85 13.95
N ASP C 73 -15.58 -30.91 13.76
CA ASP C 73 -15.48 -31.76 12.57
C ASP C 73 -15.70 -30.98 11.27
N GLU C 74 -16.71 -30.09 11.26
CA GLU C 74 -16.99 -29.23 10.11
C GLU C 74 -15.82 -28.30 9.81
N LEU C 75 -15.23 -27.73 10.87
CA LEU C 75 -14.05 -26.87 10.74
C LEU C 75 -12.88 -27.60 10.06
N LEU C 76 -12.60 -28.82 10.51
CA LEU C 76 -11.49 -29.61 9.99
C LEU C 76 -11.66 -29.97 8.51
N ASP C 77 -12.89 -30.31 8.12
CA ASP C 77 -13.23 -30.63 6.74
C ASP C 77 -13.08 -29.42 5.81
N ILE C 78 -13.33 -28.22 6.36
CA ILE C 78 -13.13 -26.96 5.65
C ILE C 78 -11.64 -26.68 5.51
N PHE C 79 -10.90 -26.78 6.62
CA PHE C 79 -9.45 -26.61 6.62
C PHE C 79 -8.75 -27.64 5.71
N ASP C 80 -9.32 -28.84 5.63
CA ASP C 80 -8.83 -29.89 4.75
C ASP C 80 -8.84 -29.44 3.28
N ASP C 81 -9.92 -28.76 2.87
CA ASP C 81 -10.05 -28.21 1.52
C ASP C 81 -8.96 -27.19 1.25
N PHE C 82 -8.76 -26.28 2.23
CA PHE C 82 -7.71 -25.27 2.16
C PHE C 82 -6.31 -25.89 2.03
N MET C 83 -6.02 -26.91 2.85
CA MET C 83 -4.75 -27.64 2.81
C MET C 83 -4.52 -28.30 1.44
N ILE C 84 -5.53 -29.04 0.98
CA ILE C 84 -5.53 -29.69 -0.34
C ILE C 84 -5.34 -28.68 -1.47
N SER C 85 -5.84 -27.45 -1.27
CA SER C 85 -5.77 -26.37 -2.25
C SER C 85 -4.34 -25.84 -2.48
N ILE C 86 -3.45 -26.02 -1.50
CA ILE C 86 -2.04 -25.66 -1.62
C ILE C 86 -1.21 -26.82 -2.18
N LYS C 87 -1.26 -27.96 -1.47
CA LYS C 87 -0.39 -29.11 -1.72
C LYS C 87 -0.83 -30.28 -0.84
N MET D 1 26.80 9.19 2.16
CA MET D 1 26.04 10.29 2.81
C MET D 1 24.83 9.82 3.63
N LEU D 2 24.15 8.79 3.14
CA LEU D 2 22.90 8.31 3.72
C LEU D 2 23.02 7.91 5.18
N ASN D 3 24.10 7.20 5.52
CA ASN D 3 24.29 6.66 6.87
C ASN D 3 24.49 7.72 7.95
N LYS D 4 25.24 8.79 7.64
CA LYS D 4 25.44 9.90 8.56
C LYS D 4 24.12 10.65 8.76
N PHE D 5 23.37 10.79 7.66
CA PHE D 5 22.06 11.42 7.65
C PHE D 5 21.04 10.64 8.48
N LYS D 6 21.01 9.31 8.30
CA LYS D 6 20.21 8.39 9.11
C LYS D 6 20.47 8.63 10.60
N LEU D 7 21.76 8.71 10.98
CA LEU D 7 22.17 8.90 12.37
C LEU D 7 21.80 10.30 12.89
N TRP D 8 21.97 11.30 12.02
CA TRP D 8 21.63 12.69 12.34
C TRP D 8 20.13 12.81 12.64
N VAL D 9 19.32 12.20 11.77
CA VAL D 9 17.86 12.22 11.91
C VAL D 9 17.43 11.49 13.20
N SER D 10 17.99 10.30 13.41
CA SER D 10 17.74 9.52 14.63
C SER D 10 18.05 10.30 15.92
N LYS D 11 19.13 11.09 15.89
CA LYS D 11 19.64 11.84 17.04
C LYS D 11 18.88 13.14 17.33
N HIS D 12 18.61 13.92 16.29
CA HIS D 12 18.03 15.26 16.44
C HIS D 12 16.51 15.33 16.23
N THR D 13 15.85 14.18 16.05
CA THR D 13 14.53 14.16 15.44
C THR D 13 13.72 12.90 15.78
N ASP D 14 12.38 13.03 15.67
CA ASP D 14 11.44 11.92 15.88
C ASP D 14 10.90 11.30 14.57
N TYR D 15 11.03 12.02 13.45
CA TYR D 15 10.68 11.57 12.08
C TYR D 15 11.19 10.14 11.86
N THR D 16 10.36 9.30 11.21
CA THR D 16 10.71 7.93 10.86
C THR D 16 11.42 7.89 9.50
N VAL D 17 12.56 7.19 9.46
CA VAL D 17 13.34 6.99 8.25
C VAL D 17 12.92 5.67 7.60
N ILE D 18 12.58 5.72 6.32
CA ILE D 18 12.38 4.54 5.50
C ILE D 18 13.59 4.38 4.57
N HIS D 19 14.19 3.19 4.58
CA HIS D 19 15.31 2.84 3.71
C HIS D 19 14.81 2.03 2.54
N ASN D 20 15.14 2.48 1.33
CA ASN D 20 14.91 1.71 0.11
C ASN D 20 16.22 1.14 -0.40
N GLU D 21 16.23 -0.18 -0.64
CA GLU D 21 17.37 -0.87 -1.21
C GLU D 21 16.97 -1.43 -2.58
N ASN D 22 17.68 -1.00 -3.63
CA ASN D 22 17.56 -1.56 -4.97
C ASN D 22 18.95 -1.91 -5.50
N ASP D 23 18.99 -2.78 -6.52
CA ASP D 23 20.24 -3.30 -7.07
C ASP D 23 21.31 -2.24 -7.33
N LEU D 24 20.86 -1.06 -7.79
CA LEU D 24 21.75 0.04 -8.17
C LEU D 24 21.74 1.25 -7.21
N SER D 25 20.64 1.45 -6.48
CA SER D 25 20.48 2.61 -5.61
C SER D 25 20.06 2.27 -4.19
N TYR D 26 20.73 2.91 -3.22
CA TYR D 26 20.21 3.14 -1.85
C TYR D 26 19.53 4.51 -1.84
N SER D 27 18.44 4.65 -1.08
CA SER D 27 17.82 5.93 -0.81
C SER D 27 17.10 5.93 0.53
N ILE D 28 16.77 7.14 0.99
CA ILE D 28 16.06 7.37 2.23
C ILE D 28 14.89 8.28 1.91
N ILE D 29 13.74 7.98 2.52
CA ILE D 29 12.55 8.80 2.44
C ILE D 29 12.02 9.07 3.83
N ILE D 30 11.57 10.31 4.04
CA ILE D 30 10.91 10.71 5.28
C ILE D 30 9.51 11.25 4.95
N ASP D 31 8.50 10.42 5.20
CA ASP D 31 7.09 10.79 5.05
C ASP D 31 6.62 11.45 6.33
N PHE D 32 5.98 12.61 6.19
CA PHE D 32 5.24 13.23 7.29
C PHE D 32 3.91 13.76 6.79
N GLU D 33 2.87 13.65 7.63
CA GLU D 33 1.51 14.05 7.29
C GLU D 33 0.77 14.48 8.56
N ASP D 34 0.10 15.64 8.49
CA ASP D 34 -0.67 16.18 9.61
C ASP D 34 -1.90 16.95 9.09
N ASP D 35 -2.43 17.87 9.90
CA ASP D 35 -3.66 18.61 9.59
C ASP D 35 -3.58 19.47 8.34
N ARG D 36 -2.42 20.10 8.12
CA ARG D 36 -2.24 21.19 7.11
C ARG D 36 -1.41 20.70 5.92
N TYR D 37 -0.44 19.78 6.15
CA TYR D 37 0.62 19.42 5.16
C TYR D 37 0.68 17.91 4.95
N ILE D 38 0.89 17.51 3.69
CA ILE D 38 1.32 16.17 3.29
C ILE D 38 2.68 16.35 2.64
N SER D 39 3.71 15.76 3.25
CA SER D 39 5.10 16.06 2.90
C SER D 39 5.97 14.83 2.83
N ARG D 40 7.09 14.96 2.11
CA ARG D 40 8.10 13.88 1.92
C ARG D 40 9.45 14.50 1.59
N PHE D 41 10.52 14.00 2.24
CA PHE D 41 11.87 14.34 1.89
C PHE D 41 12.54 13.07 1.40
N THR D 42 13.05 13.12 0.16
CA THR D 42 13.77 12.01 -0.44
C THR D 42 15.22 12.42 -0.66
N VAL D 43 16.15 11.56 -0.26
CA VAL D 43 17.57 11.74 -0.52
C VAL D 43 18.14 10.45 -1.09
N TRP D 44 18.98 10.59 -2.12
CA TRP D 44 19.59 9.49 -2.86
C TRP D 44 21.09 9.40 -2.61
N ASP D 45 21.66 8.23 -2.90
CA ASP D 45 23.10 8.00 -2.77
C ASP D 45 23.92 8.69 -3.86
N ASP D 46 23.24 9.23 -4.88
CA ASP D 46 23.89 9.97 -5.98
C ASP D 46 24.08 11.48 -5.72
N LEU D 47 24.02 11.89 -4.44
CA LEU D 47 24.20 13.28 -3.99
C LEU D 47 23.14 14.23 -4.53
N SER D 48 21.89 13.77 -4.50
CA SER D 48 20.73 14.59 -4.83
C SER D 48 19.64 14.34 -3.80
N CYS D 49 18.69 15.26 -3.72
CA CYS D 49 17.54 15.15 -2.82
C CYS D 49 16.35 15.92 -3.35
N MET D 50 15.17 15.55 -2.86
CA MET D 50 13.90 16.15 -3.26
C MET D 50 13.12 16.54 -2.01
N SER D 51 12.61 17.77 -2.01
CA SER D 51 11.81 18.31 -0.91
C SER D 51 10.40 18.62 -1.39
N GLU D 52 9.41 17.90 -0.86
CA GLU D 52 8.01 18.05 -1.21
C GLU D 52 7.14 18.33 0.02
N VAL D 53 6.44 19.47 -0.01
CA VAL D 53 5.44 19.86 0.99
C VAL D 53 4.21 20.43 0.31
N MET D 54 3.11 19.66 0.36
CA MET D 54 1.83 20.02 -0.25
C MET D 54 0.88 20.54 0.83
N ASP D 55 0.32 21.73 0.58
CA ASP D 55 -0.71 22.32 1.40
C ASP D 55 -2.06 21.68 1.06
N VAL D 56 -2.66 21.00 2.04
CA VAL D 56 -3.91 20.25 1.87
C VAL D 56 -5.10 21.14 1.50
N ASP D 57 -5.21 22.30 2.15
CA ASP D 57 -6.34 23.21 1.96
C ASP D 57 -6.42 23.77 0.54
N THR D 58 -5.28 24.22 -0.01
CA THR D 58 -5.21 24.82 -1.34
C THR D 58 -4.96 23.80 -2.46
N GLY D 59 -4.23 22.72 -2.15
CA GLY D 59 -3.86 21.71 -3.13
C GLY D 59 -2.67 22.10 -3.98
N LEU D 60 -1.96 23.16 -3.58
CA LEU D 60 -0.77 23.66 -4.22
C LEU D 60 0.43 23.39 -3.33
N TYR D 61 1.60 23.15 -3.94
CA TYR D 61 2.87 22.85 -3.23
C TYR D 61 3.34 24.09 -2.47
N LYS D 62 3.75 23.92 -1.21
CA LYS D 62 4.41 24.97 -0.43
C LYS D 62 5.91 24.95 -0.70
N LEU D 63 6.47 23.74 -0.79
CA LEU D 63 7.86 23.51 -1.14
C LEU D 63 7.91 22.34 -2.15
N ASN D 64 8.58 22.56 -3.28
CA ASN D 64 8.71 21.56 -4.33
C ASN D 64 10.01 21.74 -5.11
N LYS D 65 11.13 21.41 -4.46
CA LYS D 65 12.48 21.68 -4.96
C LYS D 65 13.32 20.40 -5.03
N ARG D 66 13.99 20.21 -6.18
CA ARG D 66 15.03 19.17 -6.40
C ARG D 66 16.41 19.82 -6.25
N ASN D 67 17.26 19.26 -5.37
CA ASN D 67 18.59 19.78 -5.11
C ASN D 67 19.66 18.74 -5.35
N GLU D 68 20.73 19.15 -6.03
CA GLU D 68 21.98 18.40 -6.10
C GLU D 68 22.95 19.08 -5.13
N PHE D 69 23.59 18.29 -4.29
CA PHE D 69 24.58 18.76 -3.32
C PHE D 69 25.86 17.97 -3.51
N SER D 70 26.91 18.34 -2.76
CA SER D 70 28.19 17.64 -2.82
C SER D 70 28.89 17.56 -1.46
N THR D 71 28.13 17.80 -0.38
CA THR D 71 28.66 17.94 0.96
C THR D 71 27.56 17.60 1.94
N PHE D 72 27.93 16.98 3.07
CA PHE D 72 26.97 16.64 4.13
C PHE D 72 26.36 17.90 4.77
N ASP D 73 27.19 18.94 4.94
CA ASP D 73 26.72 20.25 5.40
C ASP D 73 25.63 20.84 4.49
N GLU D 74 25.83 20.75 3.17
CA GLU D 74 24.85 21.20 2.18
C GLU D 74 23.52 20.44 2.31
N LEU D 75 23.61 19.12 2.49
CA LEU D 75 22.44 18.28 2.69
C LEU D 75 21.61 18.73 3.92
N LEU D 76 22.30 18.99 5.04
CA LEU D 76 21.64 19.38 6.28
C LEU D 76 20.94 20.74 6.17
N ASP D 77 21.56 21.68 5.46
CA ASP D 77 20.99 23.01 5.23
C ASP D 77 19.75 22.92 4.34
N ILE D 78 19.73 21.96 3.42
CA ILE D 78 18.57 21.69 2.57
C ILE D 78 17.45 21.06 3.40
N PHE D 79 17.79 20.01 4.16
CA PHE D 79 16.85 19.36 5.07
C PHE D 79 16.28 20.34 6.12
N ASP D 80 17.12 21.29 6.55
CA ASP D 80 16.70 22.34 7.47
C ASP D 80 15.55 23.17 6.92
N ASP D 81 15.63 23.50 5.62
CA ASP D 81 14.57 24.24 4.93
C ASP D 81 13.28 23.44 4.92
N PHE D 82 13.39 22.14 4.59
CA PHE D 82 12.27 21.21 4.60
C PHE D 82 11.62 21.11 5.99
N MET D 83 12.43 20.97 7.03
CA MET D 83 11.97 20.92 8.42
C MET D 83 11.22 22.20 8.81
N ILE D 84 11.85 23.35 8.55
CA ILE D 84 11.27 24.67 8.79
C ILE D 84 9.96 24.86 8.02
N SER D 85 9.85 24.21 6.86
CA SER D 85 8.66 24.30 6.00
C SER D 85 7.41 23.62 6.59
N ILE D 86 7.60 22.67 7.51
CA ILE D 86 6.49 21.94 8.14
C ILE D 86 6.50 22.07 9.67
N LYS D 87 6.52 23.32 10.16
CA LYS D 87 6.62 23.64 11.59
C LYS D 87 7.91 23.14 12.21
PA NAD E . -12.20 -9.05 13.13
O1A NAD E . -11.89 -8.11 12.00
O2A NAD E . -11.12 -9.97 13.58
O5B NAD E . -12.75 -8.19 14.38
C5B NAD E . -13.08 -8.88 15.62
C4B NAD E . -13.00 -7.91 16.78
O4B NAD E . -11.64 -7.46 16.94
C3B NAD E . -13.84 -6.64 16.64
O3B NAD E . -14.36 -6.25 17.91
C2B NAD E . -12.82 -5.63 16.10
O2B NAD E . -13.18 -4.29 16.41
C1B NAD E . -11.56 -6.06 16.83
N9A NAD E . -10.33 -5.71 16.14
C8A NAD E . -9.77 -6.39 15.08
N7A NAD E . -8.65 -5.86 14.66
C5A NAD E . -8.44 -4.78 15.49
C6A NAD E . -7.42 -3.81 15.55
N6A NAD E . -6.37 -3.80 14.73
N1A NAD E . -7.51 -2.86 16.51
C2A NAD E . -8.58 -2.88 17.33
N3A NAD E . -9.60 -3.74 17.36
C4A NAD E . -9.47 -4.67 16.41
O3 NAD E . -13.50 -9.90 12.74
PN NAD E . -15.02 -9.51 12.44
O1N NAD E . -15.04 -8.24 11.63
O2N NAD E . -15.79 -9.55 13.71
O5D NAD E . -15.47 -10.72 11.50
C5D NAD E . -15.92 -11.97 12.08
C4D NAD E . -16.80 -12.69 11.09
O4D NAD E . -17.89 -11.83 10.69
C3D NAD E . -16.11 -13.12 9.77
O3D NAD E . -16.63 -14.37 9.34
C2D NAD E . -16.46 -11.97 8.83
O2D NAD E . -16.44 -12.34 7.47
C1D NAD E . -17.87 -11.60 9.29
N1N NAD E . -18.21 -10.18 9.01
C2N NAD E . -17.92 -9.20 9.94
C3N NAD E . -18.39 -7.91 9.74
C7N NAD E . -18.40 -6.94 10.90
O7N NAD E . -19.32 -6.14 11.01
N7N NAD E . -17.39 -7.01 11.76
C4N NAD E . -18.84 -7.55 8.48
C5N NAD E . -19.13 -8.54 7.56
C6N NAD E . -18.80 -9.84 7.84
PA NAD F . 14.97 5.80 -7.98
O1A NAD F . 13.57 5.87 -8.49
O2A NAD F . 15.21 5.50 -6.54
O5B NAD F . 15.80 4.76 -8.88
C5B NAD F . 17.12 4.35 -8.46
C4B NAD F . 17.35 2.90 -8.85
O4B NAD F . 16.39 2.06 -8.15
C3B NAD F . 17.20 2.56 -10.34
O3B NAD F . 18.13 1.56 -10.71
C2B NAD F . 15.75 2.09 -10.41
O2B NAD F . 15.50 1.25 -11.52
C1B NAD F . 15.62 1.33 -9.09
N9A NAD F . 14.26 1.25 -8.58
C8A NAD F . 13.57 2.23 -7.91
N7A NAD F . 12.35 1.88 -7.58
C5A NAD F . 12.22 0.59 -8.06
C6A NAD F . 11.16 -0.32 -8.03
N6A NAD F . 9.98 -0.06 -7.47
N1A NAD F . 11.35 -1.53 -8.62
C2A NAD F . 12.53 -1.77 -9.19
N3A NAD F . 13.61 -1.00 -9.28
C4A NAD F . 13.39 0.19 -8.69
O3 NAD F . 15.72 7.17 -8.33
PN NAD F . 16.18 7.82 -9.73
O1N NAD F . 15.02 7.77 -10.66
O2N NAD F . 17.47 7.19 -10.15
O5D NAD F . 16.44 9.34 -9.29
C5D NAD F . 17.78 9.76 -8.91
C4D NAD F . 17.90 11.25 -9.07
O4D NAD F . 17.90 11.58 -10.48
C3D NAD F . 16.79 12.09 -8.42
O3D NAD F . 17.31 13.30 -7.88
C2D NAD F . 15.85 12.35 -9.60
O2D NAD F . 15.11 13.57 -9.46
C1D NAD F . 16.80 12.45 -10.78
N1N NAD F . 16.17 12.01 -12.05
C2N NAD F . 16.20 10.68 -12.43
C3N NAD F . 15.68 10.31 -13.66
C7N NAD F . 16.07 9.01 -14.30
O7N NAD F . 16.37 8.05 -13.59
N7N NAD F . 16.07 8.96 -15.62
C4N NAD F . 14.81 11.20 -14.31
C5N NAD F . 14.84 12.53 -13.97
C6N NAD F . 15.54 12.92 -12.84
NA NA G . 18.36 13.04 -26.41
ZN ZN H . -5.16 -37.08 13.61
ZN ZN I . 23.87 17.96 16.54
NA NA J . 27.76 8.07 5.24
#